data_5HRI
#
_entry.id   5HRI
#
_cell.length_a   124.770
_cell.length_b   71.273
_cell.length_c   86.922
_cell.angle_alpha   90.00
_cell.angle_beta   90.00
_cell.angle_gamma   90.00
#
_symmetry.space_group_name_H-M   'P 21 21 2'
#
loop_
_entity.id
_entity.type
_entity.pdbx_description
1 polymer 'DNA polymerase beta-like protein'
2 polymer "DNA (5'-D(*CP*GP*TP*TP*CP*TP*AP*TP*CP*TP*GP*TP*AP*CP*TP*CP*AP*C)-3'"
3 polymer "DNA (5'-D(*GP*TP*GP*AP*GP*TP*AP*CP*A)-3')"
4 polymer "DNA (5'-D(P*AP*TP*AP*GP*AP*AP*CP*G)-3')"
5 non-polymer "2'-DEOXYGUANOSINE-5'-TRIPHOSPHATE"
6 non-polymer 'MANGANESE (II) ION'
7 water water
#
loop_
_entity_poly.entity_id
_entity_poly.type
_entity_poly.pdbx_seq_one_letter_code
_entity_poly.pdbx_strand_id
1 'polypeptide(L)'
;SGGGMLTLIQGKKIVNHLRSRLAFEYNGQLIKILSKNIVAVGSLRREEKMLNDVDLLIIVPEKKLLKHVLPNIRIKGLSF
SVKVCGERKCVLFIEWEKKTYQLDLFTALAEEKPYAIFHFTGPVSYLIRIRAALKKKNYKLNQYGLFKNQTLVPLKITTE
KELIKELGFTYRIPKKRL
;
A,B
2 'polydeoxyribonucleotide' (DC)(DG)(DT)(DT)(DC)(DT)(DA)(DT)(DC)(DT)(DG)(DT)(DA)(DC)(DT)(DC)(DA)(DC) C,F
3 'polydeoxyribonucleotide' (DG)(DT)(DG)(DA)(DG)(DT)(DA)(DC)(DA) D,G
4 'polydeoxyribonucleotide' (DA)(DT)(DA)(DG)(DA)(DA)(DC)(DG) E,H
#
loop_
_chem_comp.id
_chem_comp.type
_chem_comp.name
_chem_comp.formula
DA DNA linking 2'-DEOXYADENOSINE-5'-MONOPHOSPHATE 'C10 H14 N5 O6 P'
DC DNA linking 2'-DEOXYCYTIDINE-5'-MONOPHOSPHATE 'C9 H14 N3 O7 P'
DG DNA linking 2'-DEOXYGUANOSINE-5'-MONOPHOSPHATE 'C10 H14 N5 O7 P'
DGT non-polymer 2'-DEOXYGUANOSINE-5'-TRIPHOSPHATE 'C10 H16 N5 O13 P3'
DT DNA linking THYMIDINE-5'-MONOPHOSPHATE 'C10 H15 N2 O8 P'
MN non-polymer 'MANGANESE (II) ION' 'Mn 2'
#
# COMPACT_ATOMS: atom_id res chain seq x y z
N GLY A 4 4.32 3.78 -9.15
CA GLY A 4 4.72 2.39 -8.78
C GLY A 4 5.24 2.28 -7.35
N MET A 5 4.79 1.26 -6.63
CA MET A 5 5.05 1.17 -5.19
C MET A 5 6.50 0.80 -4.88
N LEU A 6 7.05 1.31 -3.77
CA LEU A 6 8.44 1.00 -3.40
C LEU A 6 8.68 0.71 -1.92
N THR A 7 9.75 -0.05 -1.65
CA THR A 7 10.11 -0.43 -0.29
C THR A 7 10.72 0.73 0.46
N LEU A 8 10.68 0.63 1.79
CA LEU A 8 11.34 1.60 2.66
C LEU A 8 12.82 1.76 2.30
N ILE A 9 13.51 0.65 2.07
CA ILE A 9 14.95 0.68 1.74
C ILE A 9 15.19 1.43 0.42
N GLN A 10 14.35 1.14 -0.59
CA GLN A 10 14.42 1.83 -1.87
C GLN A 10 14.19 3.32 -1.69
N GLY A 11 13.22 3.66 -0.85
CA GLY A 11 12.94 5.05 -0.54
C GLY A 11 14.15 5.79 0.00
N LYS A 12 14.86 5.14 0.92
CA LYS A 12 16.03 5.72 1.56
C LYS A 12 17.23 5.85 0.63
N LYS A 13 17.41 4.87 -0.26
CA LYS A 13 18.50 4.92 -1.25
C LYS A 13 18.28 6.08 -2.22
N ILE A 14 17.03 6.25 -2.67
CA ILE A 14 16.67 7.36 -3.55
C ILE A 14 16.95 8.70 -2.86
N VAL A 15 16.44 8.86 -1.64
CA VAL A 15 16.63 10.10 -0.90
C VAL A 15 18.11 10.39 -0.67
N ASN A 16 18.86 9.36 -0.30
CA ASN A 16 20.29 9.49 -0.11
C ASN A 16 21.00 9.96 -1.39
N HIS A 17 20.57 9.43 -2.54
CA HIS A 17 21.13 9.83 -3.83
C HIS A 17 20.77 11.28 -4.19
N LEU A 18 19.52 11.66 -3.93
CA LEU A 18 19.05 13.03 -4.22
C LEU A 18 19.67 14.09 -3.31
N ARG A 19 20.07 13.68 -2.12
CA ARG A 19 20.51 14.60 -1.05
C ARG A 19 21.73 15.44 -1.42
N SER A 20 22.58 14.92 -2.30
CA SER A 20 23.77 15.65 -2.74
C SER A 20 23.61 16.21 -4.16
N ARG A 21 22.41 16.09 -4.74
CA ARG A 21 22.23 16.33 -6.17
C ARG A 21 21.09 17.28 -6.56
N LEU A 22 20.46 17.92 -5.57
CA LEU A 22 19.37 18.83 -5.87
C LEU A 22 19.89 20.26 -6.02
N ALA A 23 19.35 20.96 -7.02
CA ALA A 23 19.69 22.35 -7.28
C ALA A 23 18.55 23.03 -8.01
N PHE A 24 18.68 24.34 -8.22
CA PHE A 24 17.69 25.09 -9.00
C PHE A 24 18.35 26.23 -9.78
N GLU A 25 17.80 26.51 -10.95
CA GLU A 25 18.30 27.57 -11.83
C GLU A 25 17.71 28.91 -11.39
N TYR A 26 18.58 29.88 -11.11
CA TYR A 26 18.15 31.22 -10.67
C TYR A 26 18.89 32.29 -11.47
N ASN A 27 18.23 32.82 -12.50
CA ASN A 27 18.79 33.85 -13.37
C ASN A 27 20.22 33.56 -13.81
N GLY A 28 20.39 32.49 -14.58
CA GLY A 28 21.70 32.08 -15.08
C GLY A 28 22.38 31.07 -14.18
N GLN A 29 22.46 31.39 -12.89
CA GLN A 29 23.23 30.59 -11.93
C GLN A 29 22.51 29.31 -11.47
N LEU A 30 23.25 28.22 -11.45
CA LEU A 30 22.79 26.95 -10.91
C LEU A 30 23.14 26.93 -9.42
N ILE A 31 22.14 26.91 -8.55
CA ILE A 31 22.36 27.02 -7.11
C ILE A 31 22.01 25.72 -6.40
N LYS A 32 23.00 25.16 -5.69
CA LYS A 32 22.86 23.88 -4.99
C LYS A 32 21.98 24.04 -3.76
N ILE A 33 21.12 23.05 -3.52
CA ILE A 33 20.29 23.00 -2.32
C ILE A 33 21.05 22.20 -1.28
N LEU A 34 21.18 22.75 -0.08
CA LEU A 34 21.98 22.14 0.98
C LEU A 34 21.23 20.98 1.63
N SER A 35 21.97 20.01 2.12
CA SER A 35 21.39 18.82 2.76
C SER A 35 20.60 19.16 4.03
N LYS A 36 21.07 20.15 4.79
CA LYS A 36 20.33 20.55 6.00
C LYS A 36 18.97 21.22 5.68
N ASN A 37 18.74 21.50 4.40
CA ASN A 37 17.46 22.03 3.93
C ASN A 37 16.61 21.01 3.16
N ILE A 38 17.03 19.74 3.20
CA ILE A 38 16.23 18.67 2.63
C ILE A 38 15.80 17.74 3.74
N VAL A 39 14.49 17.68 3.97
CA VAL A 39 13.95 16.84 5.01
C VAL A 39 13.03 15.80 4.38
N ALA A 40 13.28 14.54 4.70
CA ALA A 40 12.43 13.44 4.24
C ALA A 40 11.16 13.47 5.05
N VAL A 41 10.02 13.43 4.37
CA VAL A 41 8.74 13.49 5.06
C VAL A 41 7.84 12.35 4.59
N GLY A 42 6.52 12.49 4.76
CA GLY A 42 5.55 11.49 4.38
C GLY A 42 5.83 10.14 5.00
N SER A 43 5.39 9.10 4.30
CA SER A 43 5.43 7.75 4.82
C SER A 43 6.86 7.27 5.00
N LEU A 44 7.79 7.88 4.27
CA LEU A 44 9.20 7.53 4.42
C LEU A 44 9.65 7.89 5.83
N ARG A 45 9.36 9.12 6.25
CA ARG A 45 9.74 9.53 7.59
C ARG A 45 9.04 8.67 8.64
N ARG A 46 7.81 8.29 8.38
CA ARG A 46 7.07 7.41 9.28
C ARG A 46 7.48 5.93 9.20
N GLU A 47 8.45 5.60 8.35
CA GLU A 47 9.03 4.26 8.29
C GLU A 47 8.03 3.15 7.96
N GLU A 48 7.06 3.44 7.11
CA GLU A 48 6.15 2.41 6.61
C GLU A 48 6.93 1.51 5.64
N LYS A 49 6.62 0.22 5.67
CA LYS A 49 7.43 -0.76 4.95
C LYS A 49 7.34 -0.56 3.44
N MET A 50 6.14 -0.19 2.98
CA MET A 50 5.90 0.11 1.57
C MET A 50 5.42 1.54 1.41
N LEU A 51 5.97 2.22 0.41
CA LEU A 51 5.67 3.62 0.14
C LEU A 51 5.03 3.72 -1.23
N ASN A 52 4.07 4.64 -1.39
CA ASN A 52 3.50 4.91 -2.73
C ASN A 52 4.34 5.92 -3.51
N ASP A 53 5.17 6.67 -2.80
CA ASP A 53 6.02 7.67 -3.42
C ASP A 53 7.07 8.12 -2.43
N VAL A 54 7.93 9.02 -2.86
CA VAL A 54 8.92 9.64 -1.99
C VAL A 54 8.56 11.10 -1.81
N ASP A 55 8.58 11.56 -0.57
CA ASP A 55 8.13 12.91 -0.21
C ASP A 55 9.28 13.68 0.45
N LEU A 56 9.73 14.77 -0.19
CA LEU A 56 10.83 15.59 0.31
C LEU A 56 10.41 17.02 0.53
N LEU A 57 10.74 17.56 1.70
CA LEU A 57 10.48 18.95 2.01
C LEU A 57 11.76 19.75 1.86
N ILE A 58 11.69 20.86 1.12
CA ILE A 58 12.86 21.71 0.91
C ILE A 58 12.68 23.05 1.63
N ILE A 59 13.65 23.38 2.48
CA ILE A 59 13.63 24.62 3.23
C ILE A 59 14.35 25.66 2.38
N VAL A 60 13.64 26.72 2.01
CA VAL A 60 14.22 27.78 1.21
C VAL A 60 14.50 29.01 2.10
N PRO A 61 15.71 29.60 2.00
CA PRO A 61 16.11 30.70 2.90
C PRO A 61 15.45 32.06 2.67
N GLU A 62 14.86 32.30 1.51
CA GLU A 62 14.28 33.62 1.19
C GLU A 62 13.01 33.50 0.37
N LYS A 63 12.06 34.41 0.62
CA LYS A 63 10.75 34.40 -0.08
C LYS A 63 10.88 34.70 -1.57
N LYS A 64 11.86 35.54 -1.92
CA LYS A 64 12.15 35.87 -3.33
C LYS A 64 12.46 34.64 -4.19
N LEU A 65 12.98 33.58 -3.55
CA LEU A 65 13.40 32.36 -4.26
C LEU A 65 12.27 31.39 -4.63
N LEU A 66 11.14 31.48 -3.92
CA LEU A 66 9.98 30.61 -4.17
C LEU A 66 9.54 30.53 -5.64
N LYS A 67 9.63 31.64 -6.36
CA LYS A 67 9.22 31.68 -7.77
C LYS A 67 10.12 30.78 -8.64
N HIS A 68 11.29 30.42 -8.11
CA HIS A 68 12.36 29.81 -8.90
C HIS A 68 12.76 28.37 -8.51
N VAL A 69 12.61 28.00 -7.25
CA VAL A 69 13.20 26.75 -6.77
C VAL A 69 12.57 25.52 -7.43
N LEU A 70 11.29 25.27 -7.18
CA LEU A 70 10.63 24.10 -7.77
C LEU A 70 10.42 24.23 -9.27
N PRO A 71 9.95 25.41 -9.74
CA PRO A 71 9.75 25.57 -11.18
C PRO A 71 11.02 25.43 -12.04
N ASN A 72 12.20 25.61 -11.44
CA ASN A 72 13.46 25.38 -12.13
C ASN A 72 14.32 24.34 -11.41
N ILE A 73 13.67 23.31 -10.87
CA ILE A 73 14.37 22.26 -10.13
C ILE A 73 15.29 21.45 -11.04
N ARG A 74 16.45 21.05 -10.51
CA ARG A 74 17.40 20.24 -11.25
C ARG A 74 17.90 19.10 -10.39
N ILE A 75 18.04 17.93 -11.02
CA ILE A 75 18.59 16.75 -10.36
C ILE A 75 19.72 16.22 -11.21
N LYS A 76 20.95 16.34 -10.69
CA LYS A 76 22.16 15.98 -11.41
C LYS A 76 22.19 14.49 -11.80
N GLY A 77 22.28 14.24 -13.10
CA GLY A 77 22.49 12.90 -13.63
C GLY A 77 21.30 11.96 -13.47
N LEU A 78 20.11 12.52 -13.39
CA LEU A 78 18.88 11.72 -13.28
C LEU A 78 17.85 12.23 -14.27
N SER A 79 17.20 11.31 -14.97
CA SER A 79 16.14 11.66 -15.92
C SER A 79 14.80 11.63 -15.21
N PHE A 80 14.01 12.68 -15.43
CA PHE A 80 12.69 12.77 -14.83
C PHE A 80 11.79 13.61 -15.71
N SER A 81 10.49 13.43 -15.57
CA SER A 81 9.50 14.32 -16.18
C SER A 81 8.70 15.02 -15.09
N VAL A 82 8.03 16.11 -15.44
CA VAL A 82 7.28 16.93 -14.49
C VAL A 82 5.78 16.76 -14.70
N LYS A 83 5.11 16.17 -13.71
CA LYS A 83 3.65 15.96 -13.80
C LYS A 83 2.91 17.27 -13.51
N VAL A 84 3.16 17.85 -12.33
CA VAL A 84 2.66 19.19 -11.99
C VAL A 84 3.76 19.93 -11.23
N CYS A 85 3.73 21.26 -11.28
CA CYS A 85 4.75 22.07 -10.64
C CYS A 85 4.26 23.48 -10.37
N GLY A 86 4.32 23.90 -9.12
CA GLY A 86 4.13 25.29 -8.73
C GLY A 86 5.22 25.69 -7.75
N GLU A 87 5.02 26.78 -7.03
CA GLU A 87 6.02 27.27 -6.08
C GLU A 87 6.11 26.40 -4.82
N ARG A 88 5.00 25.73 -4.48
CA ARG A 88 4.89 25.04 -3.21
C ARG A 88 4.85 23.51 -3.31
N LYS A 89 4.35 22.99 -4.42
CA LYS A 89 4.28 21.54 -4.63
C LYS A 89 4.73 21.20 -6.04
N CYS A 90 5.65 20.25 -6.14
CA CYS A 90 6.14 19.77 -7.41
C CYS A 90 6.13 18.25 -7.38
N VAL A 91 5.53 17.64 -8.40
CA VAL A 91 5.49 16.19 -8.53
C VAL A 91 6.29 15.76 -9.74
N LEU A 92 7.31 14.95 -9.50
CA LEU A 92 8.15 14.43 -10.58
C LEU A 92 7.97 12.92 -10.68
N PHE A 93 8.16 12.40 -11.89
CA PHE A 93 8.32 10.98 -12.13
C PHE A 93 9.78 10.76 -12.49
N ILE A 94 10.50 10.01 -11.67
CA ILE A 94 11.94 9.86 -11.85
C ILE A 94 12.26 8.44 -12.30
N GLU A 95 13.34 8.31 -13.06
CA GLU A 95 13.84 7.01 -13.45
C GLU A 95 14.89 6.59 -12.45
N TRP A 96 14.63 5.50 -11.74
CA TRP A 96 15.56 4.98 -10.76
C TRP A 96 15.75 3.49 -11.01
N GLU A 97 16.93 3.12 -11.47
CA GLU A 97 17.28 1.72 -11.74
C GLU A 97 16.22 1.07 -12.63
N LYS A 98 16.05 1.66 -13.82
CA LYS A 98 15.18 1.12 -14.87
C LYS A 98 13.67 1.18 -14.58
N LYS A 99 13.29 1.64 -13.38
CA LYS A 99 11.87 1.78 -13.02
C LYS A 99 11.50 3.24 -12.73
N THR A 100 10.21 3.54 -12.87
CA THR A 100 9.67 4.88 -12.69
C THR A 100 8.98 5.01 -11.34
N TYR A 101 9.35 6.05 -10.57
CA TYR A 101 8.73 6.31 -9.27
C TYR A 101 8.28 7.76 -9.13
N GLN A 102 7.27 8.00 -8.29
CA GLN A 102 6.80 9.36 -8.02
C GLN A 102 7.57 10.02 -6.88
N LEU A 103 8.18 11.17 -7.17
CA LEU A 103 8.86 11.99 -6.17
C LEU A 103 8.09 13.27 -5.97
N ASP A 104 7.76 13.60 -4.71
CA ASP A 104 6.98 14.79 -4.40
C ASP A 104 7.88 15.78 -3.67
N LEU A 105 7.93 17.01 -4.16
CA LEU A 105 8.76 18.04 -3.56
C LEU A 105 7.87 19.14 -3.03
N PHE A 106 8.17 19.63 -1.83
CA PHE A 106 7.40 20.72 -1.22
C PHE A 106 8.35 21.78 -0.67
N THR A 107 7.93 23.04 -0.66
CA THR A 107 8.77 24.11 -0.11
C THR A 107 8.19 24.76 1.13
N ALA A 108 9.08 25.07 2.06
CA ALA A 108 8.72 25.81 3.27
C ALA A 108 9.78 26.87 3.57
N LEU A 109 9.33 28.01 4.14
CA LEU A 109 10.23 29.07 4.56
C LEU A 109 10.74 28.79 5.98
N ALA A 110 11.96 29.24 6.27
CA ALA A 110 12.61 28.98 7.57
C ALA A 110 11.65 29.07 8.75
N GLU A 111 10.80 30.09 8.75
CA GLU A 111 9.87 30.35 9.85
C GLU A 111 8.67 29.39 9.86
N GLU A 112 8.44 28.70 8.74
CA GLU A 112 7.37 27.70 8.61
C GLU A 112 7.85 26.26 8.90
N LYS A 113 9.16 26.07 8.99
CA LYS A 113 9.76 24.73 8.99
C LYS A 113 9.07 23.71 9.91
N PRO A 114 8.98 23.98 11.21
CA PRO A 114 8.37 22.99 12.11
C PRO A 114 6.90 22.68 11.81
N TYR A 115 6.17 23.68 11.30
CA TYR A 115 4.77 23.49 10.91
C TYR A 115 4.64 22.62 9.66
N ALA A 116 5.65 22.71 8.80
CA ALA A 116 5.65 22.03 7.52
C ALA A 116 6.11 20.59 7.69
N ILE A 117 7.09 20.38 8.56
CA ILE A 117 7.50 19.03 8.89
C ILE A 117 6.32 18.31 9.58
N PHE A 118 5.68 18.98 10.52
CA PHE A 118 4.51 18.40 11.16
C PHE A 118 3.43 17.99 10.16
N HIS A 119 3.12 18.88 9.23
CA HIS A 119 2.07 18.69 8.27
C HIS A 119 2.42 17.57 7.29
N PHE A 120 3.61 17.65 6.70
CA PHE A 120 4.01 16.69 5.68
C PHE A 120 4.44 15.32 6.21
N THR A 121 4.63 15.21 7.53
CA THR A 121 4.91 13.91 8.13
C THR A 121 3.63 13.10 8.27
N GLY A 122 2.50 13.77 8.48
CA GLY A 122 1.23 13.08 8.65
C GLY A 122 1.24 12.09 9.81
N PRO A 123 0.44 11.00 9.71
CA PRO A 123 -0.40 10.69 8.55
C PRO A 123 -1.61 11.58 8.51
N VAL A 124 -2.39 11.46 7.45
CA VAL A 124 -3.54 12.32 7.25
C VAL A 124 -4.52 12.22 8.41
N SER A 125 -4.89 11.01 8.81
CA SER A 125 -5.89 10.82 9.87
C SER A 125 -5.46 11.51 11.18
N TYR A 126 -4.16 11.50 11.46
CA TYR A 126 -3.61 12.15 12.66
C TYR A 126 -3.80 13.66 12.57
N LEU A 127 -3.48 14.22 11.42
CA LEU A 127 -3.61 15.64 11.17
C LEU A 127 -5.03 16.13 11.34
N ILE A 128 -5.96 15.34 10.83
CA ILE A 128 -7.37 15.68 10.87
C ILE A 128 -7.85 15.82 12.31
N ARG A 129 -7.58 14.81 13.14
CA ARG A 129 -8.04 14.86 14.55
C ARG A 129 -7.35 15.94 15.36
N ILE A 130 -6.09 16.20 15.05
CA ILE A 130 -5.34 17.23 15.76
C ILE A 130 -5.89 18.61 15.42
N ARG A 131 -6.19 18.82 14.15
CA ARG A 131 -6.70 20.10 13.67
C ARG A 131 -8.12 20.35 14.11
N ALA A 132 -8.91 19.28 14.21
CA ALA A 132 -10.30 19.40 14.66
C ALA A 132 -10.33 19.83 16.12
N ALA A 133 -9.42 19.28 16.91
CA ALA A 133 -9.35 19.62 18.33
C ALA A 133 -8.93 21.07 18.54
N LEU A 134 -7.99 21.56 17.74
CA LEU A 134 -7.57 22.95 17.81
C LEU A 134 -8.68 23.88 17.35
N LYS A 135 -9.40 23.46 16.32
CA LYS A 135 -10.54 24.20 15.78
C LYS A 135 -11.64 24.42 16.83
N LYS A 136 -11.84 23.45 17.70
CA LYS A 136 -12.81 23.57 18.80
C LYS A 136 -12.41 24.65 19.79
N LYS A 137 -11.10 24.89 19.92
CA LYS A 137 -10.59 25.99 20.75
C LYS A 137 -10.29 27.25 19.91
N ASN A 138 -10.94 27.35 18.76
CA ASN A 138 -10.89 28.55 17.89
C ASN A 138 -9.49 28.91 17.35
N TYR A 139 -8.70 27.86 17.07
CA TYR A 139 -7.42 28.01 16.38
C TYR A 139 -7.51 27.31 15.01
N LYS A 140 -6.65 27.71 14.09
CA LYS A 140 -6.47 27.02 12.81
C LYS A 140 -5.00 26.71 12.65
N LEU A 141 -4.68 25.44 12.34
CA LEU A 141 -3.30 25.02 12.11
C LEU A 141 -3.15 24.50 10.67
N ASN A 142 -2.07 24.94 10.01
CA ASN A 142 -1.76 24.45 8.67
C ASN A 142 -0.24 24.25 8.53
N GLN A 143 0.24 24.11 7.30
CA GLN A 143 1.70 23.99 7.08
C GLN A 143 2.48 25.29 7.26
N TYR A 144 1.78 26.41 7.41
CA TYR A 144 2.43 27.72 7.49
C TYR A 144 2.53 28.29 8.91
N GLY A 145 1.68 27.83 9.80
CA GLY A 145 1.67 28.36 11.17
C GLY A 145 0.40 28.02 11.93
N LEU A 146 0.34 28.51 13.17
CA LEU A 146 -0.84 28.45 14.00
C LEU A 146 -1.53 29.81 13.97
N PHE A 147 -2.81 29.82 13.61
CA PHE A 147 -3.57 31.04 13.48
C PHE A 147 -4.76 31.06 14.45
N LYS A 148 -5.03 32.24 15.02
CA LYS A 148 -6.24 32.50 15.81
C LYS A 148 -6.85 33.82 15.35
N ASN A 149 -8.11 33.80 14.94
CA ASN A 149 -8.77 34.95 14.31
C ASN A 149 -7.92 35.59 13.19
N GLN A 150 -7.45 34.73 12.28
CA GLN A 150 -6.64 35.15 11.12
C GLN A 150 -5.34 35.89 11.51
N THR A 151 -4.77 35.56 12.67
CA THR A 151 -3.51 36.16 13.11
C THR A 151 -2.50 35.09 13.50
N LEU A 152 -1.30 35.16 12.90
CA LEU A 152 -0.23 34.23 13.23
C LEU A 152 0.13 34.34 14.71
N VAL A 153 0.08 33.22 15.42
CA VAL A 153 0.45 33.17 16.83
C VAL A 153 1.95 32.95 16.91
N PRO A 154 2.68 33.87 17.58
CA PRO A 154 4.13 33.75 17.67
C PRO A 154 4.55 32.80 18.80
N LEU A 155 4.71 31.52 18.45
CA LEU A 155 5.15 30.53 19.41
C LEU A 155 6.66 30.57 19.55
N LYS A 156 7.17 30.42 20.78
CA LYS A 156 8.62 30.43 21.02
C LYS A 156 9.19 29.03 20.77
N ILE A 157 9.33 28.66 19.50
CA ILE A 157 9.70 27.30 19.10
C ILE A 157 10.54 27.21 17.82
N THR A 158 11.55 26.32 17.85
CA THR A 158 12.37 26.05 16.68
C THR A 158 12.03 24.71 16.02
N THR A 159 11.89 23.63 16.80
CA THR A 159 11.71 22.28 16.26
C THR A 159 10.26 21.79 16.23
N GLU A 160 10.06 20.68 15.53
CA GLU A 160 8.74 20.05 15.45
C GLU A 160 8.25 19.56 16.81
N LYS A 161 9.16 18.92 17.55
CA LYS A 161 8.85 18.40 18.88
C LYS A 161 8.39 19.52 19.81
N GLU A 162 9.04 20.67 19.70
CA GLU A 162 8.66 21.83 20.50
C GLU A 162 7.26 22.31 20.13
N LEU A 163 6.93 22.27 18.83
CA LEU A 163 5.62 22.70 18.38
C LEU A 163 4.52 21.79 18.93
N ILE A 164 4.68 20.49 18.74
CA ILE A 164 3.71 19.51 19.21
C ILE A 164 3.39 19.73 20.69
N LYS A 165 4.44 19.81 21.51
CA LYS A 165 4.26 20.05 22.94
C LYS A 165 3.57 21.38 23.21
N GLU A 166 3.97 22.43 22.49
CA GLU A 166 3.36 23.75 22.63
C GLU A 166 1.87 23.74 22.33
N LEU A 167 1.47 22.91 21.37
CA LEU A 167 0.08 22.78 20.98
C LEU A 167 -0.74 21.97 21.99
N GLY A 168 -0.06 21.35 22.96
CA GLY A 168 -0.72 20.62 24.03
C GLY A 168 -1.02 19.17 23.69
N PHE A 169 -0.22 18.60 22.78
CA PHE A 169 -0.41 17.21 22.34
C PHE A 169 0.79 16.36 22.65
N THR A 170 0.56 15.06 22.78
CA THR A 170 1.63 14.13 23.10
C THR A 170 2.57 13.99 21.93
N TYR A 171 3.86 14.10 22.22
CA TYR A 171 4.87 13.87 21.22
C TYR A 171 5.06 12.38 21.00
N ARG A 172 4.97 11.96 19.75
CA ARG A 172 5.28 10.58 19.37
C ARG A 172 6.20 10.65 18.17
N ILE A 173 7.12 9.70 18.06
CA ILE A 173 7.99 9.64 16.87
C ILE A 173 7.14 9.39 15.64
N PRO A 174 7.60 9.83 14.46
CA PRO A 174 6.78 9.71 13.25
C PRO A 174 6.19 8.32 13.00
N LYS A 175 6.94 7.27 13.31
CA LYS A 175 6.50 5.89 13.09
C LYS A 175 5.21 5.55 13.86
N LYS A 176 5.02 6.21 14.98
CA LYS A 176 3.91 5.98 15.86
C LYS A 176 2.86 7.02 15.95
N ARG A 177 2.84 7.91 15.01
CA ARG A 177 1.77 8.91 14.98
C ARG A 177 0.53 8.38 14.31
N LEU A 178 -0.59 8.65 14.97
CA LEU A 178 -1.89 8.16 14.58
C LEU A 178 -2.91 8.93 15.41
N GLY B 3 -1.71 -1.88 5.89
CA GLY B 3 -2.68 -3.01 6.05
C GLY B 3 -3.06 -3.26 7.49
N GLY B 4 -4.14 -2.62 7.95
CA GLY B 4 -4.57 -2.69 9.35
C GLY B 4 -5.37 -3.95 9.61
N MET B 5 -5.43 -4.41 10.85
CA MET B 5 -6.23 -5.58 11.21
C MET B 5 -7.71 -5.23 11.10
N LEU B 6 -8.55 -6.20 10.71
CA LEU B 6 -9.99 -5.95 10.54
C LEU B 6 -10.90 -7.05 11.07
N THR B 7 -12.13 -6.66 11.41
CA THR B 7 -13.12 -7.58 11.96
C THR B 7 -13.69 -8.48 10.88
N LEU B 8 -14.25 -9.61 11.31
CA LEU B 8 -14.96 -10.52 10.42
C LEU B 8 -16.04 -9.79 9.63
N ILE B 9 -16.82 -8.95 10.31
CA ILE B 9 -17.90 -8.22 9.64
C ILE B 9 -17.35 -7.30 8.56
N GLN B 10 -16.29 -6.57 8.90
CA GLN B 10 -15.64 -5.69 7.95
C GLN B 10 -15.12 -6.48 6.75
N GLY B 11 -14.55 -7.65 7.02
CA GLY B 11 -14.09 -8.55 5.95
C GLY B 11 -15.20 -8.91 4.99
N LYS B 12 -16.37 -9.22 5.52
CA LYS B 12 -17.53 -9.62 4.72
C LYS B 12 -18.13 -8.48 3.91
N LYS B 13 -18.16 -7.28 4.50
CA LYS B 13 -18.64 -6.09 3.79
C LYS B 13 -17.74 -5.76 2.60
N ILE B 14 -16.43 -5.85 2.82
CA ILE B 14 -15.45 -5.63 1.76
C ILE B 14 -15.67 -6.64 0.63
N VAL B 15 -15.72 -7.92 0.98
CA VAL B 15 -15.89 -8.98 -0.02
C VAL B 15 -17.20 -8.80 -0.77
N ASN B 16 -18.27 -8.48 -0.06
CA ASN B 16 -19.56 -8.23 -0.68
C ASN B 16 -19.50 -7.07 -1.67
N HIS B 17 -18.76 -6.02 -1.32
CA HIS B 17 -18.58 -4.88 -2.21
C HIS B 17 -17.75 -5.24 -3.45
N LEU B 18 -16.69 -6.02 -3.25
CA LEU B 18 -15.81 -6.44 -4.35
C LEU B 18 -16.48 -7.43 -5.32
N ARG B 19 -17.44 -8.18 -4.80
CA ARG B 19 -18.05 -9.31 -5.53
C ARG B 19 -18.74 -8.92 -6.83
N SER B 20 -19.22 -7.68 -6.90
CA SER B 20 -19.88 -7.20 -8.12
C SER B 20 -18.99 -6.23 -8.91
N ARG B 21 -17.74 -6.07 -8.49
CA ARG B 21 -16.91 -4.98 -8.99
C ARG B 21 -15.53 -5.38 -9.51
N LEU B 22 -15.25 -6.67 -9.59
CA LEU B 22 -13.95 -7.12 -10.06
C LEU B 22 -13.98 -7.35 -11.56
N ALA B 23 -12.92 -6.92 -12.24
CA ALA B 23 -12.76 -7.11 -13.67
C ALA B 23 -11.28 -7.11 -14.03
N PHE B 24 -11.00 -7.38 -15.30
CA PHE B 24 -9.62 -7.32 -15.79
C PHE B 24 -9.59 -6.85 -17.24
N GLU B 25 -8.53 -6.12 -17.59
CA GLU B 25 -8.33 -5.59 -18.94
C GLU B 25 -7.68 -6.66 -19.80
N TYR B 26 -8.31 -7.00 -20.92
CA TYR B 26 -7.80 -8.01 -21.85
C TYR B 26 -7.85 -7.49 -23.28
N ASN B 27 -6.69 -7.01 -23.75
CA ASN B 27 -6.54 -6.46 -25.11
C ASN B 27 -7.68 -5.51 -25.50
N GLY B 28 -7.74 -4.38 -24.80
CA GLY B 28 -8.78 -3.37 -25.04
C GLY B 28 -10.01 -3.56 -24.17
N GLN B 29 -10.56 -4.77 -24.16
CA GLN B 29 -11.83 -5.04 -23.49
C GLN B 29 -11.71 -5.19 -21.97
N LEU B 30 -12.63 -4.55 -21.26
CA LEU B 30 -12.78 -4.70 -19.82
C LEU B 30 -13.73 -5.87 -19.56
N ILE B 31 -13.23 -6.93 -18.95
CA ILE B 31 -14.02 -8.15 -18.77
C ILE B 31 -14.34 -8.39 -17.31
N LYS B 32 -15.64 -8.46 -17.00
CA LYS B 32 -16.12 -8.65 -15.65
C LYS B 32 -15.85 -10.06 -15.14
N ILE B 33 -15.44 -10.18 -13.89
CA ILE B 33 -15.25 -11.47 -13.24
C ILE B 33 -16.56 -11.83 -12.55
N LEU B 34 -17.05 -13.04 -12.81
CA LEU B 34 -18.35 -13.47 -12.30
C LEU B 34 -18.25 -13.83 -10.82
N SER B 35 -19.35 -13.65 -10.10
CA SER B 35 -19.41 -13.94 -8.67
C SER B 35 -19.19 -15.41 -8.35
N LYS B 36 -19.68 -16.30 -9.21
CA LYS B 36 -19.47 -17.75 -9.00
C LYS B 36 -18.00 -18.16 -9.16
N ASN B 37 -17.16 -17.25 -9.64
CA ASN B 37 -15.72 -17.46 -9.74
C ASN B 37 -14.91 -16.71 -8.69
N ILE B 38 -15.59 -16.11 -7.72
CA ILE B 38 -14.92 -15.45 -6.61
C ILE B 38 -15.24 -16.19 -5.33
N VAL B 39 -14.23 -16.79 -4.74
CA VAL B 39 -14.41 -17.56 -3.52
C VAL B 39 -13.60 -16.93 -2.41
N ALA B 40 -14.26 -16.66 -1.30
CA ALA B 40 -13.59 -16.08 -0.13
C ALA B 40 -12.83 -17.21 0.54
N VAL B 41 -11.55 -16.97 0.83
CA VAL B 41 -10.72 -17.99 1.44
C VAL B 41 -10.02 -17.42 2.67
N GLY B 42 -8.92 -18.04 3.08
CA GLY B 42 -8.17 -17.65 4.25
C GLY B 42 -9.00 -17.57 5.51
N SER B 43 -8.60 -16.69 6.42
CA SER B 43 -9.19 -16.63 7.72
C SER B 43 -10.64 -16.17 7.64
N LEU B 44 -10.99 -15.47 6.57
CA LEU B 44 -12.36 -15.01 6.39
C LEU B 44 -13.26 -16.22 6.25
N ARG B 45 -12.89 -17.14 5.38
CA ARG B 45 -13.67 -18.36 5.22
C ARG B 45 -13.74 -19.14 6.53
N ARG B 46 -12.63 -19.15 7.26
CA ARG B 46 -12.57 -19.84 8.55
C ARG B 46 -13.29 -19.08 9.69
N GLU B 47 -13.86 -17.92 9.39
CA GLU B 47 -14.69 -17.16 10.34
C GLU B 47 -13.96 -16.76 11.63
N GLU B 48 -12.69 -16.44 11.52
CA GLU B 48 -11.95 -15.90 12.66
C GLU B 48 -12.45 -14.48 12.92
N LYS B 49 -12.51 -14.10 14.19
CA LYS B 49 -13.15 -12.85 14.58
C LYS B 49 -12.36 -11.65 14.06
N MET B 50 -11.03 -11.77 14.07
CA MET B 50 -10.14 -10.75 13.53
C MET B 50 -9.33 -11.31 12.39
N LEU B 51 -9.20 -10.54 11.32
CA LEU B 51 -8.46 -10.91 10.12
C LEU B 51 -7.28 -9.98 9.93
N ASN B 52 -6.15 -10.49 9.45
CA ASN B 52 -5.01 -9.62 9.09
C ASN B 52 -5.12 -9.08 7.68
N ASP B 53 -5.96 -9.71 6.88
CA ASP B 53 -6.16 -9.31 5.50
C ASP B 53 -7.41 -10.00 4.96
N VAL B 54 -7.75 -9.68 3.72
CA VAL B 54 -8.83 -10.35 3.01
C VAL B 54 -8.23 -11.19 1.88
N ASP B 55 -8.68 -12.43 1.76
CA ASP B 55 -8.10 -13.38 0.82
C ASP B 55 -9.18 -13.89 -0.12
N LEU B 56 -9.02 -13.61 -1.41
CA LEU B 56 -10.00 -14.01 -2.42
C LEU B 56 -9.35 -14.88 -3.49
N LEU B 57 -10.01 -16.00 -3.78
CA LEU B 57 -9.58 -16.88 -4.86
C LEU B 57 -10.44 -16.64 -6.09
N ILE B 58 -9.79 -16.45 -7.24
CA ILE B 58 -10.50 -16.22 -8.49
C ILE B 58 -10.34 -17.41 -9.44
N ILE B 59 -11.46 -17.95 -9.87
CA ILE B 59 -11.46 -19.09 -10.79
C ILE B 59 -11.46 -18.52 -12.20
N VAL B 60 -10.42 -18.83 -12.97
CA VAL B 60 -10.32 -18.34 -14.35
C VAL B 60 -10.64 -19.48 -15.32
N PRO B 61 -11.51 -19.22 -16.33
CA PRO B 61 -11.98 -20.29 -17.23
C PRO B 61 -10.97 -20.81 -18.27
N GLU B 62 -9.90 -20.07 -18.55
CA GLU B 62 -8.95 -20.47 -19.60
C GLU B 62 -7.51 -20.13 -19.22
N LYS B 63 -6.57 -20.98 -19.61
CA LYS B 63 -5.14 -20.80 -19.28
C LYS B 63 -4.55 -19.58 -19.97
N LYS B 64 -5.05 -19.26 -21.17
CA LYS B 64 -4.63 -18.09 -21.93
C LYS B 64 -4.82 -16.78 -21.17
N LEU B 65 -5.80 -16.76 -20.26
CA LEU B 65 -6.16 -15.55 -19.50
C LEU B 65 -5.24 -15.24 -18.30
N LEU B 66 -4.54 -16.25 -17.79
CA LEU B 66 -3.65 -16.08 -16.65
C LEU B 66 -2.66 -14.91 -16.77
N LYS B 67 -2.15 -14.66 -17.97
CA LYS B 67 -1.19 -13.59 -18.21
C LYS B 67 -1.80 -12.20 -17.98
N HIS B 68 -3.14 -12.15 -17.95
CA HIS B 68 -3.87 -10.89 -18.00
C HIS B 68 -4.74 -10.57 -16.77
N VAL B 69 -5.25 -11.57 -16.07
CA VAL B 69 -6.28 -11.33 -15.04
C VAL B 69 -5.74 -10.49 -13.87
N LEU B 70 -4.80 -11.03 -13.12
CA LEU B 70 -4.25 -10.30 -11.97
C LEU B 70 -3.39 -9.11 -12.38
N PRO B 71 -2.50 -9.29 -13.37
CA PRO B 71 -1.67 -8.17 -13.80
C PRO B 71 -2.44 -6.96 -14.34
N ASN B 72 -3.67 -7.16 -14.80
CA ASN B 72 -4.53 -6.07 -15.25
C ASN B 72 -5.83 -6.02 -14.46
N ILE B 73 -5.75 -6.31 -13.16
CA ILE B 73 -6.94 -6.34 -12.31
C ILE B 73 -7.54 -4.94 -12.16
N ARG B 74 -8.87 -4.88 -12.11
CA ARG B 74 -9.57 -3.62 -11.93
C ARG B 74 -10.66 -3.77 -10.87
N ILE B 75 -10.81 -2.75 -10.04
CA ILE B 75 -11.85 -2.70 -9.02
C ILE B 75 -12.60 -1.39 -9.19
N LYS B 76 -13.86 -1.49 -9.63
CA LYS B 76 -14.69 -0.31 -9.94
C LYS B 76 -14.91 0.60 -8.73
N GLY B 77 -14.48 1.84 -8.86
CA GLY B 77 -14.76 2.88 -7.87
C GLY B 77 -14.03 2.72 -6.55
N LEU B 78 -12.89 2.05 -6.58
CA LEU B 78 -12.07 1.85 -5.39
C LEU B 78 -10.63 2.18 -5.71
N SER B 79 -9.99 2.92 -4.82
CA SER B 79 -8.57 3.25 -4.97
C SER B 79 -7.72 2.20 -4.27
N PHE B 80 -6.69 1.74 -4.96
CA PHE B 80 -5.78 0.77 -4.39
C PHE B 80 -4.41 0.93 -5.03
N SER B 81 -3.38 0.46 -4.34
CA SER B 81 -2.06 0.33 -4.92
C SER B 81 -1.66 -1.16 -4.97
N VAL B 82 -0.66 -1.47 -5.79
CA VAL B 82 -0.20 -2.85 -6.00
C VAL B 82 1.15 -3.07 -5.34
N LYS B 83 1.18 -3.92 -4.31
CA LYS B 83 2.43 -4.26 -3.63
C LYS B 83 3.27 -5.24 -4.45
N VAL B 84 2.69 -6.40 -4.76
CA VAL B 84 3.30 -7.37 -5.68
C VAL B 84 2.20 -7.94 -6.57
N CYS B 85 2.57 -8.39 -7.76
CA CYS B 85 1.60 -8.92 -8.68
C CYS B 85 2.25 -9.83 -9.70
N GLY B 86 1.75 -11.06 -9.80
CA GLY B 86 2.11 -11.97 -10.89
C GLY B 86 0.83 -12.61 -11.40
N GLU B 87 0.96 -13.72 -12.11
CA GLU B 87 -0.19 -14.43 -12.67
C GLU B 87 -1.01 -15.14 -11.61
N ARG B 88 -0.36 -15.53 -10.51
CA ARG B 88 -0.98 -16.43 -9.52
C ARG B 88 -1.29 -15.81 -8.18
N LYS B 89 -0.50 -14.79 -7.81
CA LYS B 89 -0.70 -14.10 -6.54
C LYS B 89 -0.58 -12.61 -6.76
N CYS B 90 -1.57 -11.88 -6.28
CA CYS B 90 -1.56 -10.43 -6.34
C CYS B 90 -1.92 -9.89 -4.97
N VAL B 91 -1.09 -8.99 -4.46
CA VAL B 91 -1.36 -8.32 -3.19
C VAL B 91 -1.66 -6.85 -3.40
N LEU B 92 -2.85 -6.42 -3.00
CA LEU B 92 -3.24 -5.03 -3.11
C LEU B 92 -3.42 -4.43 -1.74
N PHE B 93 -3.18 -3.12 -1.65
CA PHE B 93 -3.56 -2.33 -0.49
C PHE B 93 -4.74 -1.46 -0.95
N ILE B 94 -5.90 -1.65 -0.34
CA ILE B 94 -7.10 -0.97 -0.78
C ILE B 94 -7.54 0.06 0.25
N GLU B 95 -8.18 1.11 -0.23
CA GLU B 95 -8.76 2.11 0.64
C GLU B 95 -10.22 1.75 0.87
N TRP B 96 -10.54 1.45 2.12
CA TRP B 96 -11.91 1.12 2.48
C TRP B 96 -12.31 1.97 3.68
N GLU B 97 -13.23 2.91 3.44
CA GLU B 97 -13.72 3.81 4.47
C GLU B 97 -12.56 4.49 5.20
N LYS B 98 -11.76 5.21 4.41
CA LYS B 98 -10.64 6.04 4.90
C LYS B 98 -9.44 5.28 5.47
N LYS B 99 -9.54 3.96 5.56
CA LYS B 99 -8.45 3.13 6.08
C LYS B 99 -7.92 2.16 5.02
N THR B 100 -6.67 1.75 5.22
CA THR B 100 -5.95 0.90 4.26
C THR B 100 -5.93 -0.53 4.76
N TYR B 101 -6.35 -1.46 3.91
CA TYR B 101 -6.33 -2.89 4.24
C TYR B 101 -5.63 -3.72 3.14
N GLN B 102 -5.05 -4.84 3.52
CA GLN B 102 -4.42 -5.73 2.56
C GLN B 102 -5.43 -6.71 1.97
N LEU B 103 -5.55 -6.72 0.65
CA LEU B 103 -6.38 -7.68 -0.10
C LEU B 103 -5.48 -8.59 -0.90
N ASP B 104 -5.66 -9.91 -0.77
CA ASP B 104 -4.81 -10.88 -1.47
C ASP B 104 -5.67 -11.60 -2.50
N LEU B 105 -5.20 -11.63 -3.75
CA LEU B 105 -5.93 -12.28 -4.82
C LEU B 105 -5.10 -13.43 -5.34
N PHE B 106 -5.75 -14.56 -5.56
CA PHE B 106 -5.07 -15.75 -6.10
C PHE B 106 -5.88 -16.30 -7.26
N THR B 107 -5.22 -16.92 -8.23
CA THR B 107 -5.92 -17.54 -9.36
C THR B 107 -5.77 -19.04 -9.40
N ALA B 108 -6.86 -19.70 -9.78
CA ALA B 108 -6.89 -21.15 -9.98
C ALA B 108 -7.67 -21.47 -11.26
N LEU B 109 -7.25 -22.52 -11.95
CA LEU B 109 -7.97 -23.01 -13.14
C LEU B 109 -9.07 -23.97 -12.72
N ALA B 110 -10.14 -24.03 -13.50
CA ALA B 110 -11.32 -24.86 -13.17
C ALA B 110 -10.95 -26.22 -12.58
N GLU B 111 -9.94 -26.87 -13.16
CA GLU B 111 -9.54 -28.23 -12.76
C GLU B 111 -8.76 -28.26 -11.44
N GLU B 112 -8.26 -27.11 -11.04
CA GLU B 112 -7.52 -26.95 -9.78
C GLU B 112 -8.42 -26.53 -8.62
N LYS B 113 -9.65 -26.12 -8.92
CA LYS B 113 -10.50 -25.41 -7.95
C LYS B 113 -10.54 -26.02 -6.53
N PRO B 114 -10.94 -27.30 -6.39
CA PRO B 114 -11.03 -27.90 -5.05
C PRO B 114 -9.69 -27.97 -4.32
N TYR B 115 -8.60 -28.13 -5.05
CA TYR B 115 -7.25 -28.15 -4.46
C TYR B 115 -6.84 -26.77 -3.97
N ALA B 116 -7.33 -25.75 -4.66
CA ALA B 116 -6.96 -24.38 -4.37
C ALA B 116 -7.79 -23.85 -3.21
N ILE B 117 -9.05 -24.22 -3.16
CA ILE B 117 -9.90 -23.87 -2.04
C ILE B 117 -9.34 -24.54 -0.79
N PHE B 118 -9.00 -25.81 -0.89
CA PHE B 118 -8.39 -26.52 0.23
C PHE B 118 -7.13 -25.82 0.74
N HIS B 119 -6.25 -25.44 -0.18
CA HIS B 119 -4.96 -24.87 0.12
C HIS B 119 -5.13 -23.49 0.75
N PHE B 120 -5.91 -22.63 0.09
CA PHE B 120 -6.07 -21.23 0.53
C PHE B 120 -7.01 -21.05 1.72
N THR B 121 -7.76 -22.08 2.07
CA THR B 121 -8.55 -22.04 3.29
C THR B 121 -7.71 -22.25 4.53
N GLY B 122 -6.66 -23.05 4.42
CA GLY B 122 -5.79 -23.31 5.56
C GLY B 122 -6.53 -23.93 6.73
N PRO B 123 -6.09 -23.65 7.98
CA PRO B 123 -4.92 -22.82 8.28
C PRO B 123 -3.63 -23.52 7.93
N VAL B 124 -2.53 -22.79 8.03
CA VAL B 124 -1.23 -23.31 7.66
C VAL B 124 -0.88 -24.59 8.42
N SER B 125 -1.03 -24.58 9.74
CA SER B 125 -0.65 -25.75 10.55
C SER B 125 -1.40 -27.01 10.12
N TYR B 126 -2.65 -26.84 9.72
CA TYR B 126 -3.47 -27.96 9.23
C TYR B 126 -2.90 -28.53 7.93
N LEU B 127 -2.56 -27.64 7.01
CA LEU B 127 -2.00 -28.02 5.71
C LEU B 127 -0.70 -28.79 5.88
N ILE B 128 0.13 -28.34 6.80
CA ILE B 128 1.43 -28.94 7.04
C ILE B 128 1.31 -30.39 7.46
N ARG B 129 0.48 -30.65 8.48
CA ARG B 129 0.31 -32.02 8.98
C ARG B 129 -0.37 -32.93 7.95
N ILE B 130 -1.28 -32.37 7.16
CA ILE B 130 -1.99 -33.16 6.15
C ILE B 130 -1.02 -33.57 5.04
N ARG B 131 -0.18 -32.62 4.63
CA ARG B 131 0.77 -32.83 3.56
C ARG B 131 1.89 -33.75 3.98
N ALA B 132 2.28 -33.67 5.25
CA ALA B 132 3.34 -34.53 5.77
C ALA B 132 2.88 -35.98 5.76
N ALA B 133 1.61 -36.20 6.12
CA ALA B 133 1.05 -37.54 6.16
C ALA B 133 0.97 -38.12 4.76
N LEU B 134 0.57 -37.32 3.79
CA LEU B 134 0.53 -37.79 2.40
C LEU B 134 1.93 -38.06 1.85
N LYS B 135 2.88 -37.22 2.24
CA LYS B 135 4.27 -37.37 1.85
C LYS B 135 4.87 -38.71 2.32
N LYS B 136 4.46 -39.16 3.50
CA LYS B 136 4.90 -40.46 4.03
C LYS B 136 4.41 -41.62 3.16
N LYS B 137 3.26 -41.43 2.50
CA LYS B 137 2.72 -42.42 1.55
C LYS B 137 3.11 -42.07 0.09
N ASN B 138 4.19 -41.30 -0.06
CA ASN B 138 4.79 -40.96 -1.36
C ASN B 138 3.87 -40.21 -2.34
N TYR B 139 3.05 -39.34 -1.77
CA TYR B 139 2.24 -38.41 -2.54
C TYR B 139 2.72 -36.99 -2.24
N LYS B 140 2.45 -36.07 -3.15
CA LYS B 140 2.66 -34.64 -2.94
C LYS B 140 1.35 -33.93 -3.24
N LEU B 141 0.88 -33.09 -2.30
CA LEU B 141 -0.33 -32.29 -2.49
C LEU B 141 -0.01 -30.80 -2.48
N ASN B 142 -0.56 -30.06 -3.44
CA ASN B 142 -0.38 -28.60 -3.49
C ASN B 142 -1.70 -27.93 -3.91
N GLN B 143 -1.65 -26.64 -4.26
CA GLN B 143 -2.85 -25.94 -4.75
C GLN B 143 -3.27 -26.35 -6.17
N TYR B 144 -2.44 -27.13 -6.86
CA TYR B 144 -2.73 -27.51 -8.25
C TYR B 144 -3.29 -28.93 -8.42
N GLY B 145 -3.04 -29.79 -7.45
CA GLY B 145 -3.48 -31.20 -7.57
C GLY B 145 -2.77 -32.13 -6.61
N LEU B 146 -3.13 -33.40 -6.69
CA LEU B 146 -2.43 -34.49 -5.99
C LEU B 146 -1.49 -35.17 -6.96
N PHE B 147 -0.23 -35.28 -6.58
CA PHE B 147 0.79 -35.86 -7.44
C PHE B 147 1.43 -37.08 -6.76
N LYS B 148 1.72 -38.10 -7.56
CA LYS B 148 2.52 -39.26 -7.15
C LYS B 148 3.52 -39.56 -8.25
N ASN B 149 4.80 -39.62 -7.89
CA ASN B 149 5.90 -39.75 -8.85
C ASN B 149 5.79 -38.75 -10.02
N GLN B 150 5.58 -37.48 -9.68
CA GLN B 150 5.44 -36.39 -10.66
C GLN B 150 4.32 -36.61 -11.68
N THR B 151 3.26 -37.30 -11.29
CA THR B 151 2.09 -37.50 -12.15
C THR B 151 0.80 -37.10 -11.45
N LEU B 152 0.03 -36.23 -12.09
CA LEU B 152 -1.28 -35.81 -11.57
C LEU B 152 -2.18 -37.03 -11.41
N VAL B 153 -2.69 -37.24 -10.20
CA VAL B 153 -3.60 -38.34 -9.94
C VAL B 153 -5.01 -37.86 -10.26
N PRO B 154 -5.69 -38.56 -11.17
CA PRO B 154 -7.03 -38.15 -11.59
C PRO B 154 -8.09 -38.64 -10.61
N LEU B 155 -8.38 -37.82 -9.62
CA LEU B 155 -9.40 -38.15 -8.64
C LEU B 155 -10.78 -37.81 -9.22
N LYS B 156 -11.76 -38.66 -8.98
CA LYS B 156 -13.13 -38.42 -9.47
C LYS B 156 -13.87 -37.50 -8.50
N ILE B 157 -13.54 -36.20 -8.55
CA ILE B 157 -14.03 -35.23 -7.56
C ILE B 157 -14.26 -33.82 -8.12
N THR B 158 -15.36 -33.21 -7.70
CA THR B 158 -15.66 -31.82 -8.07
C THR B 158 -15.40 -30.84 -6.91
N THR B 159 -15.88 -31.16 -5.71
CA THR B 159 -15.83 -30.21 -4.57
C THR B 159 -14.67 -30.44 -3.61
N GLU B 160 -14.49 -29.48 -2.72
CA GLU B 160 -13.47 -29.58 -1.68
C GLU B 160 -13.73 -30.73 -0.71
N LYS B 161 -14.99 -30.86 -0.30
CA LYS B 161 -15.40 -31.92 0.62
C LYS B 161 -15.11 -33.29 0.04
N GLU B 162 -15.34 -33.44 -1.26
CA GLU B 162 -15.06 -34.70 -1.94
C GLU B 162 -13.56 -34.99 -1.94
N LEU B 163 -12.76 -33.95 -2.10
CA LEU B 163 -11.31 -34.11 -2.10
C LEU B 163 -10.81 -34.59 -0.76
N ILE B 164 -11.18 -33.88 0.30
CA ILE B 164 -10.78 -34.22 1.66
C ILE B 164 -11.07 -35.67 1.97
N LYS B 165 -12.30 -36.11 1.72
CA LYS B 165 -12.69 -37.50 1.94
C LYS B 165 -11.86 -38.45 1.07
N GLU B 166 -11.64 -38.08 -0.19
CA GLU B 166 -10.84 -38.92 -1.11
C GLU B 166 -9.41 -39.11 -0.62
N LEU B 167 -8.87 -38.08 0.03
CA LEU B 167 -7.53 -38.12 0.56
C LEU B 167 -7.43 -38.94 1.84
N GLY B 168 -8.59 -39.34 2.40
CA GLY B 168 -8.64 -40.22 3.56
C GLY B 168 -8.62 -39.47 4.88
N PHE B 169 -9.09 -38.22 4.87
CA PHE B 169 -9.08 -37.38 6.06
C PHE B 169 -10.48 -36.95 6.46
N THR B 170 -10.64 -36.62 7.73
CA THR B 170 -11.93 -36.19 8.26
C THR B 170 -12.31 -34.81 7.72
N TYR B 171 -13.54 -34.70 7.22
CA TYR B 171 -14.05 -33.44 6.77
C TYR B 171 -14.49 -32.61 7.96
N ARG B 172 -13.99 -31.38 8.04
CA ARG B 172 -14.44 -30.40 9.03
C ARG B 172 -14.71 -29.08 8.31
N ILE B 173 -15.71 -28.35 8.77
CA ILE B 173 -16.01 -27.04 8.17
C ILE B 173 -14.79 -26.13 8.40
N PRO B 174 -14.59 -25.16 7.51
CA PRO B 174 -13.40 -24.30 7.61
C PRO B 174 -13.14 -23.72 9.01
N LYS B 175 -14.19 -23.36 9.73
CA LYS B 175 -14.07 -22.75 11.07
C LYS B 175 -13.36 -23.69 12.06
N LYS B 176 -13.48 -24.98 11.83
CA LYS B 176 -13.01 -26.00 12.77
C LYS B 176 -11.78 -26.77 12.27
N ARG B 177 -11.18 -26.34 11.17
CA ARG B 177 -9.99 -27.03 10.70
C ARG B 177 -8.76 -26.65 11.49
N LEU B 178 -8.07 -27.70 11.93
CA LEU B 178 -6.90 -27.61 12.76
C LEU B 178 -6.22 -28.98 12.63
PG DGT I . 1.92 7.12 0.83
O1G DGT I . 0.59 6.60 0.34
O2G DGT I . 2.51 8.24 0.01
O3G DGT I . 2.92 6.03 1.11
O3B DGT I . 1.64 7.77 2.30
PB DGT I . 1.94 9.32 2.64
O1B DGT I . 1.63 9.54 4.09
O2B DGT I . 3.31 9.55 2.09
O3A DGT I . 0.84 10.11 1.77
PA DGT I . 1.03 11.26 0.64
O1A DGT I . -0.35 11.26 0.06
O2A DGT I . 2.35 11.15 -0.12
O5' DGT I . 1.08 12.62 1.52
C5' DGT I . 2.32 13.08 2.02
C4' DGT I . 2.04 13.93 3.25
O4' DGT I . 1.28 15.09 2.83
C3' DGT I . 1.16 13.25 4.26
O3' DGT I . 1.90 12.38 5.13
C2' DGT I . 0.51 14.44 4.95
C1' DGT I . 0.32 15.43 3.80
N9 DGT I . -1.05 15.24 3.32
C8 DGT I . -1.45 14.41 2.33
N7 DGT I . -2.78 14.45 2.19
C5 DGT I . -3.26 15.32 3.07
C6 DGT I . -4.57 15.81 3.45
O6 DGT I . -5.59 15.43 2.85
N1 DGT I . -4.65 16.71 4.42
C2 DGT I . -3.56 17.15 5.08
N2 DGT I . -3.72 18.07 6.06
N3 DGT I . -2.31 16.73 4.80
C4 DGT I . -2.11 15.84 3.82
MN MN J . 3.84 9.77 0.14
MN MN K . 3.36 12.36 -1.45
PG DGT L . -4.52 -14.11 8.46
O1G DGT L . -4.38 -13.53 7.07
O2G DGT L . -5.77 -13.64 9.17
O3G DGT L . -3.27 -13.97 9.29
O3B DGT L . -4.78 -15.71 8.33
PB DGT L . -4.78 -16.48 6.93
O1B DGT L . -5.75 -15.72 6.07
O2B DGT L . -5.01 -17.96 7.15
O3A DGT L . -3.23 -16.24 6.57
PA DGT L . -2.65 -15.73 5.17
O1A DGT L . -3.49 -14.60 4.62
O2A DGT L . -1.22 -15.82 5.50
O5' DGT L . -2.85 -17.04 4.17
C5' DGT L . -4.03 -17.20 3.40
C4' DGT L . -4.10 -18.71 3.07
O4' DGT L . -2.96 -18.99 2.26
C3' DGT L . -3.91 -19.59 4.30
O3' DGT L . -5.14 -19.86 4.99
C2' DGT L . -3.23 -20.80 3.70
C1' DGT L . -2.37 -20.21 2.61
N9 DGT L . -1.00 -20.14 3.15
C8 DGT L . -0.40 -19.14 3.82
N7 DGT L . 0.84 -19.52 4.19
C5 DGT L . 1.04 -20.77 3.80
C6 DGT L . 2.12 -21.73 3.91
O6 DGT L . 3.15 -21.37 4.48
N1 DGT L . 1.96 -22.96 3.35
C2 DGT L . 0.82 -23.29 2.73
N2 DGT L . 0.67 -24.52 2.19
N3 DGT L . -0.22 -22.42 2.62
C4 DGT L . -0.17 -21.18 3.12
MN MN M . -5.29 -13.90 5.30
MN MN N . -3.63 -13.53 2.90
#